data_5CJF
#
_entry.id   5CJF
#
_cell.length_a   88.495
_cell.length_b   88.495
_cell.length_c   108.736
_cell.angle_alpha   90.00
_cell.angle_beta   90.00
_cell.angle_gamma   90.00
#
_symmetry.space_group_name_H-M   'P 41 21 2'
#
loop_
_entity.id
_entity.type
_entity.pdbx_description
1 polymer 'Carbonic anhydrase 14'
2 branched alpha-D-mannopyranose-(1-3)-[alpha-D-mannopyranose-(1-6)]beta-D-mannopyranose-(1-4)-2-acetamido-2-deoxy-beta-D-glucopyranose-(1-4)-2-acetamido-2-deoxy-beta-D-glucopyranose
3 non-polymer 'ZINC ION'
4 non-polymer "4'-(4-aminobenzoyl)biphenyl-4-sulfonamide"
5 non-polymer GLYCEROL
6 non-polymer 'SULFATE ION'
7 water water
#
_entity_poly.entity_id   1
_entity_poly.type   'polypeptide(L)'
_entity_poly.pdbx_seq_one_letter_code
;ADGGQHWTYEGPHGQDHWPASYPECGNNAQSPIDIQTDSVTFDPDLPALQPHGYDQPGTEPLDLHNNGHTVQLSLPSTLY
LGGLPRKYVAAQLHLHWGQKGSPGGSEHQINSEATFAELHIVHYDSDSYDSLSEAAERPQGLAVLGILIEVGETKNIAYE
HILSHLHEVRHKDQKTSVPPFNLRELLPKQLGQYFRYNGSLTTPPCYQSVLWTVFYRRSQISMEQLEKLQGTLFSTEEEP
SKLLVQNYRALQPLNQRMVFASFIQAGSSYTTGEMLVPR
;
_entity_poly.pdbx_strand_id   A
#
loop_
_chem_comp.id
_chem_comp.type
_chem_comp.name
_chem_comp.formula
520 non-polymer 4'-(4-aminobenzoyl)biphenyl-4-sulfonamide 'C19 H16 N2 O3 S'
BMA D-saccharide, beta linking beta-D-mannopyranose 'C6 H12 O6'
GOL non-polymer GLYCEROL 'C3 H8 O3'
MAN D-saccharide, alpha linking alpha-D-mannopyranose 'C6 H12 O6'
NAG D-saccharide, beta linking 2-acetamido-2-deoxy-beta-D-glucopyranose 'C8 H15 N O6'
SO4 non-polymer 'SULFATE ION' 'O4 S -2'
ZN non-polymer 'ZINC ION' 'Zn 2'
#
# COMPACT_ATOMS: atom_id res chain seq x y z
N HIS A 6 18.89 5.21 6.71
CA HIS A 6 18.97 5.97 7.98
C HIS A 6 17.73 5.76 8.86
N TRP A 7 16.57 6.17 8.38
CA TRP A 7 15.36 6.01 9.19
C TRP A 7 14.97 4.54 9.32
N THR A 8 14.28 4.22 10.40
CA THR A 8 13.82 2.86 10.67
C THR A 8 12.41 2.92 11.26
N TYR A 9 11.82 1.77 11.55
CA TYR A 9 10.49 1.74 12.14
C TYR A 9 10.59 1.79 13.66
N GLU A 10 11.63 1.15 14.20
CA GLU A 10 11.84 1.12 15.63
C GLU A 10 13.24 1.63 15.96
N GLY A 11 13.41 2.10 17.19
CA GLY A 11 14.72 2.60 17.62
C GLY A 11 14.86 4.11 17.65
N PRO A 12 16.08 4.62 17.91
CA PRO A 12 16.39 6.04 17.99
C PRO A 12 15.88 6.81 16.77
N HIS A 13 15.93 6.15 15.62
CA HIS A 13 15.48 6.75 14.38
C HIS A 13 14.14 6.14 13.95
N GLY A 14 13.46 5.55 14.92
CA GLY A 14 12.17 4.91 14.67
C GLY A 14 11.08 5.91 14.33
N GLN A 15 9.90 5.39 13.98
CA GLN A 15 8.77 6.22 13.59
C GLN A 15 8.34 7.28 14.60
N ASP A 16 8.50 7.00 15.89
CA ASP A 16 8.11 7.98 16.91
C ASP A 16 9.00 9.21 16.81
N HIS A 17 10.15 9.06 16.16
CA HIS A 17 11.10 10.17 16.02
C HIS A 17 11.21 10.71 14.60
N TRP A 18 10.38 10.20 13.69
CA TRP A 18 10.45 10.66 12.31
C TRP A 18 10.30 12.19 12.20
N PRO A 19 9.34 12.78 12.94
CA PRO A 19 9.17 14.23 12.86
C PRO A 19 10.44 15.03 13.16
N ALA A 20 11.31 14.48 13.99
CA ALA A 20 12.55 15.16 14.35
C ALA A 20 13.51 15.28 13.17
N SER A 21 13.36 14.40 12.19
CA SER A 21 14.22 14.42 11.01
C SER A 21 13.44 14.83 9.76
N TYR A 22 12.17 14.48 9.72
CA TYR A 22 11.30 14.78 8.58
C TYR A 22 10.07 15.51 9.10
N PRO A 23 10.09 16.86 9.06
CA PRO A 23 8.98 17.72 9.53
C PRO A 23 7.57 17.31 9.15
N GLU A 24 7.36 16.93 7.89
N GLU A 24 7.36 16.93 7.89
CA GLU A 24 6.04 16.56 7.41
CA GLU A 24 6.04 16.55 7.41
C GLU A 24 5.44 15.35 8.12
C GLU A 24 5.44 15.35 8.14
N CYS A 25 6.29 14.47 8.65
CA CYS A 25 5.79 13.29 9.35
C CYS A 25 4.98 13.71 10.57
N GLY A 26 5.19 14.95 11.00
CA GLY A 26 4.47 15.46 12.16
C GLY A 26 3.30 16.35 11.78
N ASN A 27 3.03 16.51 10.49
CA ASN A 27 1.92 17.36 10.07
C ASN A 27 0.58 16.68 10.36
N ASN A 28 -0.52 17.36 10.05
CA ASN A 28 -1.84 16.83 10.38
C ASN A 28 -2.75 16.20 9.32
N ALA A 29 -2.20 15.80 8.17
CA ALA A 29 -3.00 15.15 7.13
C ALA A 29 -2.16 13.94 6.68
N GLN A 30 -1.79 13.13 7.66
CA GLN A 30 -0.94 11.96 7.44
C GLN A 30 -1.70 10.66 7.28
N SER A 31 -0.97 9.64 6.83
CA SER A 31 -1.50 8.29 6.62
C SER A 31 -0.55 7.33 7.36
N PRO A 32 -1.03 6.14 7.73
CA PRO A 32 -2.38 5.61 7.49
C PRO A 32 -3.37 6.10 8.55
N ILE A 33 -4.64 5.77 8.35
CA ILE A 33 -5.70 6.13 9.28
C ILE A 33 -6.64 4.96 9.50
N ASP A 34 -7.46 5.08 10.54
CA ASP A 34 -8.47 4.08 10.84
C ASP A 34 -9.74 4.61 10.18
N ILE A 35 -10.24 3.89 9.18
CA ILE A 35 -11.44 4.30 8.48
C ILE A 35 -12.67 3.75 9.20
N GLN A 36 -13.38 4.63 9.90
CA GLN A 36 -14.57 4.24 10.63
C GLN A 36 -15.79 4.53 9.76
N THR A 37 -16.46 3.47 9.32
CA THR A 37 -17.61 3.60 8.44
C THR A 37 -18.76 4.43 8.97
N ASP A 38 -18.90 4.55 10.28
CA ASP A 38 -20.00 5.36 10.80
C ASP A 38 -19.69 6.85 10.66
N SER A 39 -18.57 7.16 10.03
N SER A 39 -18.58 7.17 10.02
CA SER A 39 -18.16 8.54 9.84
CA SER A 39 -18.21 8.57 9.82
C SER A 39 -17.77 8.89 8.39
C SER A 39 -17.85 8.90 8.38
N VAL A 40 -17.88 7.91 7.50
CA VAL A 40 -17.54 8.17 6.10
C VAL A 40 -18.71 8.81 5.38
N THR A 41 -18.44 9.45 4.25
CA THR A 41 -19.48 10.11 3.46
C THR A 41 -19.59 9.47 2.09
N PHE A 42 -20.79 9.01 1.76
CA PHE A 42 -21.02 8.39 0.45
C PHE A 42 -20.98 9.45 -0.64
N ASP A 43 -20.21 9.18 -1.69
CA ASP A 43 -20.10 10.09 -2.82
C ASP A 43 -20.53 9.33 -4.06
N PRO A 44 -21.75 9.57 -4.55
CA PRO A 44 -22.29 8.89 -5.73
C PRO A 44 -21.54 9.19 -7.02
N ASP A 45 -20.69 10.21 -7.00
CA ASP A 45 -19.94 10.56 -8.19
C ASP A 45 -18.56 9.90 -8.31
N LEU A 46 -18.14 9.17 -7.28
CA LEU A 46 -16.84 8.48 -7.35
C LEU A 46 -16.93 7.44 -8.47
N PRO A 47 -16.08 7.57 -9.49
CA PRO A 47 -16.06 6.65 -10.64
C PRO A 47 -15.39 5.31 -10.36
N ALA A 48 -15.59 4.38 -11.29
CA ALA A 48 -14.95 3.07 -11.17
C ALA A 48 -13.47 3.39 -11.38
N LEU A 49 -12.59 2.72 -10.65
CA LEU A 49 -11.16 2.98 -10.77
C LEU A 49 -10.60 2.78 -12.17
N GLN A 50 -11.06 1.72 -12.84
CA GLN A 50 -10.63 1.43 -14.20
C GLN A 50 -9.12 1.25 -14.39
N PRO A 51 -8.55 0.20 -13.77
CA PRO A 51 -7.11 -0.01 -13.92
C PRO A 51 -6.83 -0.50 -15.35
N HIS A 52 -5.89 0.15 -16.02
CA HIS A 52 -5.55 -0.22 -17.39
C HIS A 52 -4.19 -0.87 -17.48
N GLY A 53 -4.11 -1.95 -18.26
CA GLY A 53 -2.85 -2.65 -18.44
C GLY A 53 -2.44 -3.61 -17.33
N TYR A 54 -3.21 -3.65 -16.25
CA TYR A 54 -2.89 -4.53 -15.13
C TYR A 54 -2.75 -6.01 -15.50
N ASP A 55 -3.59 -6.47 -16.40
CA ASP A 55 -3.56 -7.87 -16.83
C ASP A 55 -2.23 -8.27 -17.46
N GLN A 56 -1.59 -7.33 -18.13
CA GLN A 56 -0.30 -7.60 -18.77
C GLN A 56 0.66 -6.43 -18.54
N PRO A 57 1.43 -6.48 -17.45
CA PRO A 57 2.39 -5.42 -17.11
C PRO A 57 3.66 -5.48 -17.96
N GLY A 58 3.52 -5.17 -19.24
CA GLY A 58 4.67 -5.21 -20.13
C GLY A 58 5.02 -6.65 -20.47
N THR A 59 6.05 -6.83 -21.29
CA THR A 59 6.48 -8.18 -21.67
C THR A 59 7.85 -8.50 -21.10
N GLU A 60 8.52 -7.49 -20.57
CA GLU A 60 9.85 -7.66 -19.98
C GLU A 60 9.75 -8.03 -18.51
N PRO A 61 10.79 -8.70 -17.98
CA PRO A 61 10.78 -9.08 -16.56
C PRO A 61 10.70 -7.84 -15.69
N LEU A 62 10.00 -7.94 -14.57
CA LEU A 62 9.86 -6.81 -13.65
C LEU A 62 10.91 -6.94 -12.55
N ASP A 63 11.47 -5.82 -12.11
CA ASP A 63 12.48 -5.85 -11.05
C ASP A 63 11.85 -5.94 -9.67
N LEU A 64 12.35 -6.86 -8.85
CA LEU A 64 11.87 -7.03 -7.48
C LEU A 64 13.07 -6.66 -6.62
N HIS A 65 12.89 -5.68 -5.74
CA HIS A 65 13.99 -5.19 -4.92
C HIS A 65 13.68 -5.15 -3.42
N ASN A 66 14.64 -5.62 -2.62
CA ASN A 66 14.51 -5.57 -1.17
C ASN A 66 15.28 -4.30 -0.82
N ASN A 67 14.58 -3.24 -0.45
CA ASN A 67 15.28 -1.99 -0.13
C ASN A 67 15.56 -1.83 1.35
N GLY A 68 15.33 -2.89 2.13
CA GLY A 68 15.59 -2.84 3.55
C GLY A 68 14.38 -2.46 4.40
N HIS A 69 13.42 -1.80 3.76
CA HIS A 69 12.19 -1.37 4.44
C HIS A 69 10.97 -2.13 3.94
N THR A 70 11.10 -2.73 2.76
CA THR A 70 10.01 -3.49 2.15
C THR A 70 10.55 -4.21 0.92
N VAL A 71 9.70 -4.96 0.23
CA VAL A 71 10.10 -5.63 -1.00
C VAL A 71 9.30 -4.85 -2.04
N GLN A 72 9.98 -4.37 -3.07
CA GLN A 72 9.34 -3.54 -4.07
C GLN A 72 9.44 -4.03 -5.50
N LEU A 73 8.30 -4.01 -6.20
CA LEU A 73 8.21 -4.45 -7.58
C LEU A 73 8.03 -3.26 -8.51
N SER A 74 8.98 -3.07 -9.43
CA SER A 74 8.89 -1.97 -10.38
C SER A 74 7.80 -2.26 -11.40
N LEU A 75 7.03 -1.24 -11.74
CA LEU A 75 5.94 -1.39 -12.71
C LEU A 75 6.11 -0.41 -13.86
N PRO A 76 5.69 -0.82 -15.08
CA PRO A 76 5.79 0.02 -16.27
C PRO A 76 4.74 1.14 -16.28
N SER A 77 5.12 2.31 -16.78
CA SER A 77 4.21 3.45 -16.83
C SER A 77 3.05 3.24 -17.80
N THR A 78 3.08 2.14 -18.54
CA THR A 78 2.01 1.84 -19.48
C THR A 78 0.74 1.51 -18.71
N LEU A 79 0.89 1.11 -17.45
CA LEU A 79 -0.25 0.79 -16.61
C LEU A 79 -0.71 2.10 -15.96
N TYR A 80 -2.01 2.29 -15.85
CA TYR A 80 -2.53 3.51 -15.24
C TYR A 80 -3.98 3.35 -14.80
N LEU A 81 -4.45 4.29 -14.00
CA LEU A 81 -5.82 4.29 -13.51
C LEU A 81 -6.64 5.31 -14.28
N GLY A 82 -7.79 4.89 -14.80
CA GLY A 82 -8.62 5.80 -15.58
C GLY A 82 -9.77 6.48 -14.87
N GLY A 83 -10.01 6.14 -13.60
CA GLY A 83 -11.13 6.75 -12.89
C GLY A 83 -10.80 7.83 -11.88
N LEU A 84 -9.67 8.51 -12.07
CA LEU A 84 -9.25 9.57 -11.15
C LEU A 84 -9.26 10.95 -11.81
N PRO A 85 -9.15 12.02 -11.01
CA PRO A 85 -9.14 13.40 -11.54
C PRO A 85 -8.06 13.64 -12.59
N ARG A 86 -6.93 12.94 -12.45
CA ARG A 86 -5.82 13.05 -13.39
C ARG A 86 -5.40 11.65 -13.82
N LYS A 87 -4.56 11.56 -14.86
CA LYS A 87 -4.09 10.26 -15.32
C LYS A 87 -2.91 9.85 -14.45
N TYR A 88 -3.12 8.84 -13.61
CA TYR A 88 -2.08 8.35 -12.72
C TYR A 88 -1.48 7.07 -13.29
N VAL A 89 -0.17 7.12 -13.56
CA VAL A 89 0.53 5.96 -14.11
C VAL A 89 1.27 5.19 -13.04
N ALA A 90 1.31 3.86 -13.19
CA ALA A 90 1.98 2.99 -12.23
C ALA A 90 3.48 3.19 -12.18
N ALA A 91 4.06 3.05 -11.00
CA ALA A 91 5.49 3.19 -10.81
C ALA A 91 6.06 1.98 -10.08
N GLN A 92 5.34 1.53 -9.06
CA GLN A 92 5.79 0.38 -8.27
C GLN A 92 4.73 -0.07 -7.27
N LEU A 93 4.95 -1.24 -6.70
CA LEU A 93 4.07 -1.75 -5.67
C LEU A 93 4.98 -2.37 -4.62
N HIS A 94 4.52 -2.41 -3.38
CA HIS A 94 5.33 -2.95 -2.31
C HIS A 94 4.39 -3.41 -1.21
N LEU A 95 4.94 -4.01 -0.17
CA LEU A 95 4.14 -4.56 0.92
C LEU A 95 4.53 -4.12 2.31
N HIS A 96 3.58 -4.22 3.24
CA HIS A 96 3.79 -3.90 4.64
C HIS A 96 3.23 -5.10 5.41
N TRP A 97 3.96 -5.55 6.42
CA TRP A 97 3.51 -6.70 7.21
C TRP A 97 3.96 -6.59 8.67
N GLY A 98 3.51 -7.54 9.49
CA GLY A 98 3.87 -7.54 10.90
C GLY A 98 4.96 -8.55 11.19
N GLN A 99 4.65 -9.54 12.02
CA GLN A 99 5.62 -10.57 12.32
C GLN A 99 4.93 -11.81 12.87
N LYS A 100 5.50 -12.98 12.59
CA LYS A 100 4.91 -14.22 13.08
C LYS A 100 4.70 -14.18 14.57
N GLY A 101 3.51 -14.60 15.01
CA GLY A 101 3.20 -14.61 16.43
C GLY A 101 2.66 -13.30 16.99
N SER A 102 2.58 -12.28 16.14
CA SER A 102 2.05 -10.98 16.56
C SER A 102 0.85 -10.61 15.70
N PRO A 103 -0.06 -9.77 16.24
CA PRO A 103 -1.23 -9.36 15.48
C PRO A 103 -0.95 -8.15 14.60
N GLY A 104 -1.87 -7.87 13.67
CA GLY A 104 -1.70 -6.73 12.79
C GLY A 104 -0.68 -6.91 11.68
N GLY A 105 -0.33 -5.80 11.04
CA GLY A 105 0.61 -5.84 9.94
C GLY A 105 0.19 -4.85 8.85
N SER A 106 -1.11 -4.61 8.72
CA SER A 106 -1.59 -3.66 7.72
C SER A 106 -1.31 -2.26 8.23
N GLU A 107 -1.40 -1.27 7.34
CA GLU A 107 -1.20 0.11 7.75
C GLU A 107 -2.55 0.72 8.08
N HIS A 108 -3.47 0.68 7.12
CA HIS A 108 -4.80 1.22 7.37
C HIS A 108 -5.60 0.20 8.18
N GLN A 109 -6.68 0.67 8.78
CA GLN A 109 -7.59 -0.17 9.54
C GLN A 109 -8.99 0.26 9.13
N ILE A 110 -9.94 -0.65 9.21
CA ILE A 110 -11.33 -0.32 8.90
C ILE A 110 -12.08 -0.69 10.17
N ASN A 111 -12.78 0.29 10.73
CA ASN A 111 -13.52 0.10 11.97
C ASN A 111 -12.63 -0.48 13.06
N SER A 112 -11.43 0.09 13.17
CA SER A 112 -10.45 -0.27 14.18
C SER A 112 -9.96 -1.71 14.15
N GLU A 113 -9.99 -2.34 12.98
CA GLU A 113 -9.48 -3.70 12.83
C GLU A 113 -8.36 -3.68 11.81
N ALA A 114 -7.20 -4.21 12.16
CA ALA A 114 -6.08 -4.28 11.23
C ALA A 114 -6.06 -5.69 10.68
N THR A 115 -5.38 -5.90 9.56
CA THR A 115 -5.25 -7.25 9.01
C THR A 115 -3.77 -7.58 9.11
N PHE A 116 -3.36 -8.71 8.53
CA PHE A 116 -1.96 -9.14 8.60
C PHE A 116 -0.96 -8.44 7.69
N ALA A 117 -1.45 -7.84 6.60
CA ALA A 117 -0.55 -7.16 5.68
C ALA A 117 -1.30 -6.18 4.79
N GLU A 118 -0.57 -5.40 4.03
CA GLU A 118 -1.19 -4.44 3.14
C GLU A 118 -0.35 -4.22 1.90
N LEU A 119 -1.01 -4.25 0.75
CA LEU A 119 -0.34 -4.05 -0.52
C LEU A 119 -0.61 -2.62 -0.98
N HIS A 120 0.45 -1.96 -1.47
CA HIS A 120 0.35 -0.60 -1.97
C HIS A 120 0.80 -0.57 -3.42
N ILE A 121 -0.05 -0.10 -4.32
CA ILE A 121 0.30 0.02 -5.72
C ILE A 121 0.38 1.53 -5.94
N VAL A 122 1.60 2.01 -6.14
CA VAL A 122 1.90 3.43 -6.29
C VAL A 122 1.91 3.99 -7.71
N HIS A 123 1.13 5.07 -7.91
CA HIS A 123 1.03 5.73 -9.21
C HIS A 123 1.32 7.23 -9.02
N TYR A 124 1.62 7.92 -10.12
CA TYR A 124 1.86 9.36 -10.04
C TYR A 124 1.19 10.06 -11.23
N ASP A 125 0.84 11.32 -11.04
CA ASP A 125 0.17 12.13 -12.06
C ASP A 125 1.14 12.44 -13.21
N SER A 126 0.99 11.72 -14.32
CA SER A 126 1.86 11.92 -15.47
C SER A 126 1.42 13.12 -16.31
N ASP A 127 0.18 13.58 -16.12
CA ASP A 127 -0.30 14.75 -16.85
C ASP A 127 0.47 15.98 -16.40
N SER A 128 0.70 16.07 -15.10
CA SER A 128 1.38 17.20 -14.50
C SER A 128 2.87 16.99 -14.25
N TYR A 129 3.28 15.75 -13.97
CA TYR A 129 4.68 15.50 -13.66
C TYR A 129 5.35 14.45 -14.53
N ASP A 130 6.68 14.46 -14.55
CA ASP A 130 7.44 13.53 -15.37
C ASP A 130 8.10 12.37 -14.63
N SER A 131 8.04 12.38 -13.31
CA SER A 131 8.65 11.32 -12.52
C SER A 131 7.95 11.14 -11.18
N LEU A 132 8.04 9.93 -10.65
CA LEU A 132 7.42 9.62 -9.38
C LEU A 132 8.00 10.51 -8.29
N SER A 133 9.32 10.69 -8.32
N SER A 133 9.31 10.68 -8.32
CA SER A 133 10.01 11.51 -7.33
CA SER A 133 10.00 11.49 -7.34
C SER A 133 9.52 12.94 -7.33
C SER A 133 9.52 12.94 -7.35
N GLU A 134 9.36 13.52 -8.53
CA GLU A 134 8.89 14.88 -8.65
C GLU A 134 7.47 15.04 -8.11
N ALA A 135 6.61 14.13 -8.54
CA ALA A 135 5.21 14.16 -8.14
C ALA A 135 5.01 13.90 -6.65
N ALA A 136 5.95 13.14 -6.06
CA ALA A 136 5.87 12.78 -4.64
C ALA A 136 5.81 13.97 -3.67
N GLU A 137 6.28 15.13 -4.11
CA GLU A 137 6.29 16.31 -3.25
C GLU A 137 5.15 17.27 -3.53
N ARG A 138 4.27 16.92 -4.46
CA ARG A 138 3.17 17.80 -4.85
C ARG A 138 1.78 17.36 -4.40
N PRO A 139 0.85 18.32 -4.22
CA PRO A 139 -0.52 18.03 -3.80
C PRO A 139 -1.17 17.05 -4.77
N GLN A 140 -1.67 15.94 -4.24
CA GLN A 140 -2.30 14.90 -5.06
C GLN A 140 -1.39 14.48 -6.21
N GLY A 141 -0.08 14.56 -5.98
CA GLY A 141 0.88 14.17 -7.00
C GLY A 141 0.87 12.66 -7.19
N LEU A 142 0.49 11.94 -6.14
CA LEU A 142 0.45 10.47 -6.21
C LEU A 142 -0.95 9.93 -5.91
N ALA A 143 -1.18 8.71 -6.39
CA ALA A 143 -2.43 8.01 -6.15
C ALA A 143 -1.98 6.61 -5.79
N VAL A 144 -2.24 6.19 -4.56
CA VAL A 144 -1.84 4.86 -4.12
C VAL A 144 -3.08 4.04 -3.83
N LEU A 145 -3.03 2.76 -4.23
CA LEU A 145 -4.13 1.83 -3.98
C LEU A 145 -3.70 0.99 -2.78
N GLY A 146 -4.57 0.92 -1.78
CA GLY A 146 -4.25 0.13 -0.61
C GLY A 146 -5.16 -1.08 -0.53
N ILE A 147 -4.56 -2.26 -0.46
CA ILE A 147 -5.32 -3.50 -0.38
C ILE A 147 -4.95 -4.17 0.93
N LEU A 148 -5.92 -4.31 1.84
CA LEU A 148 -5.65 -4.99 3.11
C LEU A 148 -5.66 -6.50 2.84
N ILE A 149 -4.68 -7.19 3.41
CA ILE A 149 -4.53 -8.63 3.19
C ILE A 149 -4.79 -9.43 4.46
N GLU A 150 -5.63 -10.44 4.35
CA GLU A 150 -5.93 -11.30 5.49
C GLU A 150 -5.58 -12.73 5.09
N VAL A 151 -5.78 -13.68 6.00
CA VAL A 151 -5.46 -15.07 5.70
C VAL A 151 -6.69 -15.89 5.38
N GLY A 152 -6.60 -16.68 4.31
CA GLY A 152 -7.69 -17.53 3.89
C GLY A 152 -7.25 -18.98 3.99
N GLU A 153 -8.09 -19.89 3.52
CA GLU A 153 -7.78 -21.31 3.57
C GLU A 153 -6.88 -21.78 2.43
N THR A 154 -6.89 -21.05 1.32
CA THR A 154 -6.13 -21.45 0.14
C THR A 154 -4.98 -20.54 -0.30
N LYS A 155 -4.05 -21.12 -1.06
CA LYS A 155 -2.92 -20.37 -1.57
C LYS A 155 -3.40 -19.42 -2.67
N ASN A 156 -2.96 -18.17 -2.60
CA ASN A 156 -3.33 -17.16 -3.58
C ASN A 156 -2.23 -17.16 -4.65
N ILE A 157 -2.57 -17.61 -5.85
CA ILE A 157 -1.60 -17.70 -6.93
C ILE A 157 -0.99 -16.35 -7.33
N ALA A 158 -1.83 -15.32 -7.44
CA ALA A 158 -1.34 -14.00 -7.82
C ALA A 158 -0.25 -13.53 -6.87
N TYR A 159 -0.50 -13.60 -5.56
CA TYR A 159 0.52 -13.18 -4.61
C TYR A 159 1.73 -14.09 -4.65
N GLU A 160 1.51 -15.37 -4.96
CA GLU A 160 2.62 -16.31 -5.04
C GLU A 160 3.63 -15.89 -6.12
N HIS A 161 3.16 -15.19 -7.15
CA HIS A 161 4.04 -14.73 -8.22
C HIS A 161 5.13 -13.83 -7.65
N ILE A 162 4.81 -13.16 -6.55
CA ILE A 162 5.76 -12.28 -5.88
C ILE A 162 6.49 -13.02 -4.76
N LEU A 163 5.72 -13.68 -3.90
CA LEU A 163 6.27 -14.40 -2.76
C LEU A 163 7.26 -15.51 -3.10
N SER A 164 7.10 -16.13 -4.26
CA SER A 164 7.99 -17.21 -4.65
C SER A 164 9.40 -16.70 -4.95
N HIS A 165 9.57 -15.38 -4.95
CA HIS A 165 10.88 -14.78 -5.24
C HIS A 165 11.57 -14.13 -4.05
N LEU A 166 10.92 -14.14 -2.89
CA LEU A 166 11.52 -13.50 -1.71
C LEU A 166 12.87 -14.10 -1.35
N HIS A 167 13.00 -15.41 -1.48
CA HIS A 167 14.25 -16.09 -1.15
C HIS A 167 15.44 -15.63 -2.01
N GLU A 168 15.15 -14.91 -3.09
CA GLU A 168 16.21 -14.44 -3.98
C GLU A 168 16.70 -13.04 -3.60
N VAL A 169 16.00 -12.39 -2.68
CA VAL A 169 16.36 -11.04 -2.25
C VAL A 169 16.30 -10.86 -0.73
N ARG A 170 16.77 -11.88 0.00
CA ARG A 170 16.74 -11.84 1.45
C ARG A 170 17.52 -10.67 2.05
N HIS A 171 18.66 -10.34 1.44
CA HIS A 171 19.50 -9.26 1.95
C HIS A 171 19.16 -7.91 1.37
N LYS A 172 19.31 -6.87 2.18
CA LYS A 172 19.00 -5.51 1.75
C LYS A 172 19.77 -5.16 0.47
N ASP A 173 19.05 -4.54 -0.46
CA ASP A 173 19.58 -4.10 -1.75
C ASP A 173 19.68 -5.17 -2.84
N GLN A 174 19.43 -6.42 -2.49
CA GLN A 174 19.47 -7.48 -3.49
C GLN A 174 18.27 -7.30 -4.41
N LYS A 175 18.40 -7.76 -5.64
CA LYS A 175 17.32 -7.65 -6.61
C LYS A 175 17.19 -8.93 -7.42
N THR A 176 16.02 -9.12 -8.02
CA THR A 176 15.77 -10.30 -8.83
C THR A 176 14.71 -9.92 -9.86
N SER A 177 14.39 -10.84 -10.77
CA SER A 177 13.39 -10.58 -11.81
C SER A 177 12.12 -11.40 -11.62
N VAL A 178 10.99 -10.80 -11.97
CA VAL A 178 9.70 -11.45 -11.85
C VAL A 178 8.98 -11.35 -13.20
N PRO A 179 8.61 -12.50 -13.79
CA PRO A 179 7.92 -12.46 -15.08
C PRO A 179 6.60 -11.72 -14.94
N PRO A 180 6.19 -10.97 -15.97
CA PRO A 180 4.91 -10.25 -15.87
C PRO A 180 3.78 -11.23 -15.55
N PHE A 181 2.80 -10.76 -14.78
CA PHE A 181 1.65 -11.57 -14.42
C PHE A 181 0.45 -10.65 -14.25
N ASN A 182 -0.74 -11.22 -14.19
CA ASN A 182 -1.96 -10.44 -14.04
C ASN A 182 -2.01 -9.77 -12.67
N LEU A 183 -1.76 -8.47 -12.63
CA LEU A 183 -1.76 -7.72 -11.37
C LEU A 183 -3.16 -7.50 -10.84
N ARG A 184 -4.15 -7.61 -11.72
CA ARG A 184 -5.54 -7.40 -11.32
C ARG A 184 -5.95 -8.42 -10.26
N GLU A 185 -5.32 -9.59 -10.29
N GLU A 185 -5.33 -9.60 -10.29
CA GLU A 185 -5.63 -10.66 -9.36
CA GLU A 185 -5.66 -10.64 -9.34
C GLU A 185 -5.06 -10.43 -7.96
C GLU A 185 -5.12 -10.39 -7.94
N LEU A 186 -4.32 -9.34 -7.79
CA LEU A 186 -3.76 -9.00 -6.49
C LEU A 186 -4.81 -8.15 -5.77
N LEU A 187 -5.75 -7.62 -6.55
CA LEU A 187 -6.81 -6.79 -6.00
C LEU A 187 -7.94 -7.65 -5.45
N PRO A 188 -8.69 -7.12 -4.48
CA PRO A 188 -9.80 -7.87 -3.87
C PRO A 188 -11.04 -7.87 -4.75
N LYS A 189 -12.09 -8.52 -4.26
CA LYS A 189 -13.34 -8.55 -5.01
C LYS A 189 -14.04 -7.20 -4.84
N GLN A 190 -14.98 -6.93 -5.73
CA GLN A 190 -15.75 -5.69 -5.70
C GLN A 190 -14.90 -4.43 -5.67
N LEU A 191 -14.21 -4.17 -6.78
CA LEU A 191 -13.37 -3.00 -6.92
C LEU A 191 -14.19 -1.72 -6.82
N GLY A 192 -15.50 -1.85 -7.04
CA GLY A 192 -16.38 -0.70 -6.97
C GLY A 192 -16.66 -0.22 -5.55
N GLN A 193 -16.17 -0.96 -4.57
CA GLN A 193 -16.38 -0.58 -3.16
C GLN A 193 -15.05 -0.15 -2.56
N TYR A 194 -14.84 1.15 -2.42
CA TYR A 194 -13.60 1.66 -1.87
C TYR A 194 -13.78 2.98 -1.11
N PHE A 195 -12.75 3.34 -0.36
CA PHE A 195 -12.75 4.58 0.41
C PHE A 195 -11.70 5.49 -0.23
N ARG A 196 -11.96 6.78 -0.21
CA ARG A 196 -11.08 7.77 -0.83
C ARG A 196 -10.85 8.95 0.14
N TYR A 197 -9.58 9.30 0.35
CA TYR A 197 -9.26 10.42 1.24
C TYR A 197 -7.89 11.00 0.91
N ASN A 198 -7.63 12.23 1.38
CA ASN A 198 -6.34 12.88 1.17
C ASN A 198 -5.38 12.51 2.27
N GLY A 199 -4.23 11.97 1.89
CA GLY A 199 -3.25 11.57 2.89
C GLY A 199 -1.81 11.83 2.52
N SER A 200 -0.93 10.97 3.04
CA SER A 200 0.49 11.13 2.81
C SER A 200 1.22 9.82 2.59
N LEU A 201 2.51 9.93 2.34
CA LEU A 201 3.36 8.76 2.20
C LEU A 201 3.37 8.23 3.63
N THR A 202 3.42 6.92 3.81
CA THR A 202 3.42 6.36 5.16
C THR A 202 4.84 6.11 5.66
N THR A 203 5.83 6.61 4.91
CA THR A 203 7.22 6.50 5.32
C THR A 203 7.84 7.87 5.08
N PRO A 204 8.99 8.15 5.70
CA PRO A 204 9.63 9.46 5.49
C PRO A 204 9.84 9.61 3.98
N PRO A 205 9.81 10.85 3.46
CA PRO A 205 9.60 12.13 4.13
C PRO A 205 8.16 12.46 4.55
N CYS A 206 7.25 11.50 4.38
CA CYS A 206 5.84 11.67 4.74
C CYS A 206 5.13 12.83 4.02
N TYR A 207 5.53 13.13 2.80
CA TYR A 207 4.89 14.20 2.04
C TYR A 207 3.39 13.97 1.93
N GLN A 208 2.61 15.04 2.08
CA GLN A 208 1.16 14.96 2.01
C GLN A 208 0.70 15.14 0.56
N SER A 209 1.15 14.20 -0.26
CA SER A 209 0.91 14.21 -1.70
C SER A 209 0.06 13.05 -2.22
N VAL A 210 -0.48 12.25 -1.33
CA VAL A 210 -1.23 11.07 -1.78
C VAL A 210 -2.74 11.13 -1.75
N LEU A 211 -3.35 10.81 -2.90
CA LEU A 211 -4.80 10.72 -2.97
C LEU A 211 -4.96 9.21 -2.75
N TRP A 212 -5.39 8.84 -1.54
CA TRP A 212 -5.55 7.43 -1.18
C TRP A 212 -6.85 6.76 -1.58
N THR A 213 -6.75 5.50 -1.96
CA THR A 213 -7.90 4.66 -2.29
C THR A 213 -7.63 3.38 -1.51
N VAL A 214 -8.53 3.05 -0.60
CA VAL A 214 -8.39 1.84 0.21
C VAL A 214 -9.63 0.99 -0.06
N PHE A 215 -9.42 -0.21 -0.58
CA PHE A 215 -10.55 -1.08 -0.89
C PHE A 215 -11.25 -1.59 0.35
N TYR A 216 -12.57 -1.71 0.24
CA TYR A 216 -13.41 -2.18 1.32
C TYR A 216 -13.21 -3.68 1.58
N ARG A 217 -13.14 -4.47 0.50
CA ARG A 217 -12.94 -5.90 0.65
C ARG A 217 -11.44 -6.20 0.75
N ARG A 218 -11.13 -7.32 1.40
CA ARG A 218 -9.74 -7.72 1.60
C ARG A 218 -9.31 -8.85 0.67
N SER A 219 -8.00 -8.93 0.40
N SER A 219 -8.02 -8.90 0.37
CA SER A 219 -7.49 -10.01 -0.42
CA SER A 219 -7.48 -9.97 -0.46
C SER A 219 -7.06 -11.08 0.59
C SER A 219 -7.05 -11.02 0.54
N GLN A 220 -6.96 -12.32 0.15
N GLN A 220 -6.91 -12.27 0.11
CA GLN A 220 -6.56 -13.40 1.05
CA GLN A 220 -6.51 -13.32 1.03
C GLN A 220 -5.40 -14.23 0.54
C GLN A 220 -5.36 -14.17 0.52
N ILE A 221 -4.46 -14.53 1.44
CA ILE A 221 -3.32 -15.37 1.10
C ILE A 221 -3.37 -16.49 2.14
N SER A 222 -2.69 -17.59 1.91
CA SER A 222 -2.73 -18.70 2.87
C SER A 222 -1.89 -18.40 4.09
N MET A 223 -2.08 -19.18 5.14
CA MET A 223 -1.31 -18.96 6.36
C MET A 223 0.17 -19.22 6.07
N GLU A 224 0.43 -20.15 5.15
CA GLU A 224 1.80 -20.47 4.78
C GLU A 224 2.44 -19.31 4.02
N GLN A 225 1.67 -18.66 3.15
CA GLN A 225 2.18 -17.52 2.41
C GLN A 225 2.45 -16.38 3.37
N LEU A 226 1.61 -16.22 4.38
CA LEU A 226 1.82 -15.17 5.36
C LEU A 226 3.12 -15.39 6.12
N GLU A 227 3.32 -16.60 6.63
CA GLU A 227 4.54 -16.89 7.37
C GLU A 227 5.77 -16.61 6.51
N LYS A 228 5.67 -16.86 5.21
CA LYS A 228 6.78 -16.62 4.32
C LYS A 228 7.05 -15.13 4.14
N LEU A 229 5.97 -14.35 4.04
CA LEU A 229 6.10 -12.90 3.89
C LEU A 229 6.66 -12.27 5.16
N GLN A 230 6.30 -12.84 6.31
CA GLN A 230 6.74 -12.33 7.60
C GLN A 230 8.18 -12.63 7.99
N GLY A 231 8.76 -13.69 7.46
CA GLY A 231 10.12 -14.01 7.86
C GLY A 231 11.12 -14.54 6.85
N THR A 232 11.17 -13.95 5.67
CA THR A 232 12.12 -14.39 4.66
C THR A 232 13.17 -13.30 4.44
N LEU A 233 12.70 -12.06 4.34
CA LEU A 233 13.57 -10.91 4.10
C LEU A 233 14.27 -10.35 5.33
N PHE A 234 15.47 -9.81 5.11
CA PHE A 234 16.27 -9.20 6.18
C PHE A 234 16.30 -7.70 5.93
N SER A 235 16.52 -6.92 6.98
CA SER A 235 16.60 -5.47 6.85
C SER A 235 18.09 -5.10 6.73
N THR A 236 18.93 -6.11 6.92
CA THR A 236 20.38 -5.94 6.85
C THR A 236 20.96 -6.35 5.51
N GLU A 237 22.15 -5.83 5.20
CA GLU A 237 22.81 -6.14 3.94
C GLU A 237 23.72 -7.37 4.08
N GLU A 238 24.05 -7.71 5.33
CA GLU A 238 24.91 -8.85 5.59
C GLU A 238 24.87 -9.26 7.06
N GLU A 239 25.55 -10.36 7.38
CA GLU A 239 25.60 -10.86 8.76
C GLU A 239 26.26 -9.86 9.69
N PRO A 240 25.73 -9.73 10.91
CA PRO A 240 24.57 -10.47 11.44
C PRO A 240 23.29 -10.06 10.72
N SER A 241 22.41 -11.03 10.48
CA SER A 241 21.15 -10.77 9.79
C SER A 241 19.99 -10.52 10.75
N LYS A 242 19.12 -9.59 10.37
CA LYS A 242 17.94 -9.27 11.16
C LYS A 242 16.73 -9.30 10.24
N LEU A 243 15.70 -10.05 10.64
CA LEU A 243 14.49 -10.15 9.83
C LEU A 243 13.76 -8.82 9.70
N LEU A 244 13.27 -8.55 8.49
CA LEU A 244 12.51 -7.35 8.21
C LEU A 244 11.08 -7.66 8.67
N VAL A 245 10.69 -7.05 9.79
CA VAL A 245 9.36 -7.29 10.34
C VAL A 245 8.71 -5.99 10.82
N GLN A 246 7.40 -6.04 10.99
CA GLN A 246 6.61 -4.91 11.45
C GLN A 246 6.98 -3.59 10.78
N ASN A 247 6.99 -3.63 9.45
CA ASN A 247 7.32 -2.44 8.67
C ASN A 247 6.04 -1.70 8.29
N TYR A 248 5.21 -1.42 9.29
CA TYR A 248 3.98 -0.66 9.09
C TYR A 248 3.96 0.52 10.04
N ARG A 249 3.44 1.64 9.56
CA ARG A 249 3.38 2.84 10.39
C ARG A 249 2.16 2.83 11.29
N ALA A 250 2.29 3.42 12.47
CA ALA A 250 1.19 3.50 13.42
C ALA A 250 0.11 4.40 12.85
N LEU A 251 -1.12 4.22 13.32
CA LEU A 251 -2.24 5.03 12.86
C LEU A 251 -2.01 6.50 13.16
N GLN A 252 -2.47 7.35 12.24
CA GLN A 252 -2.34 8.81 12.39
C GLN A 252 -3.74 9.38 12.58
N PRO A 253 -3.86 10.50 13.33
CA PRO A 253 -5.16 11.13 13.58
C PRO A 253 -5.87 11.56 12.29
N LEU A 254 -7.18 11.36 12.23
CA LEU A 254 -7.95 11.75 11.05
C LEU A 254 -7.91 13.27 10.94
N ASN A 255 -7.86 13.93 12.09
CA ASN A 255 -7.80 15.38 12.15
C ASN A 255 -8.86 16.07 11.31
N GLN A 256 -10.11 15.64 11.49
CA GLN A 256 -11.26 16.22 10.83
C GLN A 256 -11.35 16.14 9.30
N ARG A 257 -10.53 15.28 8.70
CA ARG A 257 -10.58 15.11 7.25
C ARG A 257 -11.81 14.26 6.96
N MET A 258 -12.35 14.34 5.76
N MET A 258 -12.28 14.34 5.73
CA MET A 258 -13.50 13.50 5.45
CA MET A 258 -13.44 13.58 5.27
C MET A 258 -12.98 12.34 4.64
C MET A 258 -12.98 12.32 4.55
N VAL A 259 -13.60 11.18 4.84
CA VAL A 259 -13.25 9.96 4.13
C VAL A 259 -14.51 9.65 3.35
N PHE A 260 -14.37 9.50 2.04
CA PHE A 260 -15.52 9.22 1.18
C PHE A 260 -15.62 7.75 0.79
N ALA A 261 -16.86 7.29 0.62
CA ALA A 261 -17.13 5.91 0.23
C ALA A 261 -17.77 5.94 -1.16
N SER A 262 -17.31 5.05 -2.03
CA SER A 262 -17.81 4.97 -3.40
C SER A 262 -19.03 4.07 -3.46
N PHE A 263 -19.51 3.67 -2.29
CA PHE A 263 -20.64 2.74 -2.23
C PHE A 263 -21.45 2.92 -0.96
N ILE A 264 -22.63 2.32 -0.95
CA ILE A 264 -23.50 2.35 0.20
C ILE A 264 -24.37 1.10 0.09
N GLN A 265 -24.83 0.60 1.23
CA GLN A 265 -25.65 -0.60 1.22
C GLN A 265 -26.61 -0.59 2.39
N ALA A 266 -27.48 -1.60 2.46
CA ALA A 266 -28.42 -1.67 3.57
C ALA A 266 -27.61 -1.87 4.83
N GLY A 267 -28.00 -1.18 5.91
CA GLY A 267 -27.28 -1.33 7.15
C GLY A 267 -25.97 -0.57 7.23
N SER A 268 -25.70 0.28 6.24
CA SER A 268 -24.47 1.06 6.25
C SER A 268 -24.52 2.03 7.43
N SER A 269 -23.36 2.32 8.00
CA SER A 269 -23.28 3.23 9.15
C SER A 269 -23.48 4.69 8.74
N TYR A 270 -23.63 4.92 7.44
CA TYR A 270 -23.84 6.26 6.89
C TYR A 270 -25.04 6.21 5.94
N THR A 271 -25.58 7.38 5.60
CA THR A 271 -26.73 7.43 4.70
C THR A 271 -26.45 8.25 3.45
N THR A 272 -27.44 8.33 2.56
CA THR A 272 -27.30 9.09 1.32
C THR A 272 -27.93 10.48 1.44
C1 NAG B . -8.31 16.62 -1.28
C2 NAG B . -9.80 16.51 -1.60
C3 NAG B . -10.15 17.41 -2.79
C4 NAG B . -9.68 18.84 -2.54
C5 NAG B . -8.19 18.84 -2.17
C6 NAG B . -7.70 20.23 -1.79
C7 NAG B . -10.65 14.33 -0.98
C8 NAG B . -10.92 12.89 -1.40
N2 NAG B . -10.13 15.13 -1.91
O3 NAG B . -11.56 17.39 -3.00
O4 NAG B . -9.88 19.62 -3.73
O5 NAG B . -7.96 17.99 -1.02
O6 NAG B . -8.38 20.71 -0.64
O7 NAG B . -10.89 14.69 0.17
C1 NAG B . -10.79 20.66 -3.65
C2 NAG B . -10.54 21.65 -4.79
C3 NAG B . -11.61 22.74 -4.81
C4 NAG B . -13.02 22.16 -4.73
C5 NAG B . -13.12 21.16 -3.58
C6 NAG B . -14.46 20.46 -3.51
C7 NAG B . -8.22 21.86 -5.41
C8 NAG B . -6.87 22.52 -5.18
N2 NAG B . -9.23 22.26 -4.64
O3 NAG B . -11.48 23.52 -5.99
O4 NAG B . -13.97 23.23 -4.55
O5 NAG B . -12.11 20.13 -3.72
O6 NAG B . -14.73 19.72 -4.69
O7 NAG B . -8.35 21.00 -6.27
C1 BMA B . -15.12 23.20 -5.31
C2 BMA B . -16.17 24.15 -4.73
C3 BMA B . -17.41 24.14 -5.62
C4 BMA B . -17.06 24.43 -7.07
C5 BMA B . -15.92 23.51 -7.54
C6 BMA B . -15.44 23.87 -8.91
O2 BMA B . -15.63 25.46 -4.67
O3 BMA B . -18.36 25.13 -5.15
O4 BMA B . -18.19 24.22 -7.89
O5 BMA B . -14.79 23.60 -6.64
O6 BMA B . -14.61 22.81 -9.42
C1 MAN B . -19.58 24.62 -4.69
C2 MAN B . -20.57 25.77 -4.51
C3 MAN B . -20.16 26.67 -3.34
C4 MAN B . -19.97 25.83 -2.07
C5 MAN B . -18.98 24.69 -2.35
C6 MAN B . -18.80 23.75 -1.18
O2 MAN B . -21.87 25.24 -4.28
O3 MAN B . -21.15 27.65 -3.11
O4 MAN B . -19.47 26.66 -1.03
O5 MAN B . -19.44 23.90 -3.47
O6 MAN B . -17.59 23.00 -1.29
C1 MAN B . -13.88 23.18 -10.54
C2 MAN B . -13.02 21.99 -11.01
C3 MAN B . -11.92 21.69 -9.99
C4 MAN B . -11.11 22.95 -9.67
C5 MAN B . -12.04 24.10 -9.27
C6 MAN B . -11.30 25.42 -9.10
O2 MAN B . -12.45 22.28 -12.27
O3 MAN B . -11.06 20.68 -10.50
O4 MAN B . -10.21 22.69 -8.61
O5 MAN B . -13.04 24.31 -10.30
O6 MAN B . -10.63 25.79 -10.30
ZN ZN C . 3.41 1.56 1.43
C3 520 D . 12.30 10.96 -1.93
C2 520 D . 13.43 11.25 -1.17
C1 520 D . 14.58 10.46 -1.29
N1 520 D . 15.68 10.74 -0.55
C6 520 D . 14.58 9.38 -2.17
C5 520 D . 13.45 9.09 -2.93
C4 520 D . 12.32 9.89 -2.81
C7 520 D . 11.10 9.57 -3.63
O1 520 D . 11.01 9.98 -4.77
C16 520 D . 10.00 8.77 -3.02
C17 520 D . 10.20 8.13 -1.80
C18 520 D . 9.18 7.38 -1.23
C15 520 D . 8.77 8.66 -3.67
C14 520 D . 7.75 7.92 -3.09
C19 520 D . 7.95 7.28 -1.87
C10 520 D . 6.91 6.57 -1.28
C9 520 D . 6.90 6.36 0.09
C8 520 D . 5.82 5.71 0.69
C13 520 D . 4.77 5.25 -0.09
O3 520 D . 2.68 5.54 1.33
O2 520 D . 2.68 3.75 -0.35
C12 520 D . 4.79 5.44 -1.47
C11 520 D . 5.86 6.09 -2.07
S2 520 D . 3.38 4.48 0.67
N2 520 D . 3.94 3.47 1.76
C1 GOL E . 8.10 2.22 1.65
O1 GOL E . 9.11 1.42 2.25
C2 GOL E . 8.64 2.96 0.45
O2 GOL E . 9.83 2.32 -0.01
C3 GOL E . 7.63 3.02 -0.67
O3 GOL E . 8.00 2.14 -1.73
C1 GOL F . 14.53 19.26 15.46
O1 GOL F . 15.07 17.97 15.22
C2 GOL F . 13.04 19.22 15.66
O2 GOL F . 12.70 18.09 16.49
C3 GOL F . 12.52 20.48 16.30
O3 GOL F . 12.55 21.57 15.40
S SO4 G . -8.98 11.72 15.28
O1 SO4 G . -8.49 12.98 14.71
O2 SO4 G . -8.31 10.56 14.64
O3 SO4 G . -8.69 11.69 16.73
O4 SO4 G . -10.43 11.59 15.06
#